data_4OS6
#
_entry.id   4OS6
#
_cell.length_a   52.350
_cell.length_b   53.705
_cell.length_c   84.659
_cell.angle_alpha   90.00
_cell.angle_beta   90.00
_cell.angle_gamma   90.00
#
_symmetry.space_group_name_H-M   'P 21 21 21'
#
loop_
_entity.id
_entity.type
_entity.pdbx_description
1 polymer 'Urokinase-type plasminogen activator'
2 polymer 'bicyclic peptide UK604 (bicyclic 2)'
3 non-polymer 'SULFATE ION'
4 non-polymer 'ACETATE ION'
5 water water
#
loop_
_entity_poly.entity_id
_entity_poly.type
_entity_poly.pdbx_seq_one_letter_code
_entity_poly.pdbx_strand_id
1 'polypeptide(L)'
;IIGGEFTTIENQPWFAAIYRRHRGGSVTYVCGGSLISPCWVISATHCFIDYPKKEDYIVYLGRSRLNSNTQGEMKFEVEN
LILHKDYSADTLAHHNDIALLKIRSKEGRCAQPSRTIQTIALPSMYNDPQFGTSCEITGFGKEQSTDYLYPEQLKMTVVK
LISHRECQQPHYYGSEVTTKMLCAADPQWKTDSCQGDSGGPLVCSLQGRMTLTGIVSWGRGCALKDKPGVYTRVSHFLPW
IRSHT
;
A
2 'polypeptide(L)' G(81R)LGRGCENHRCL(NH2) B
#
# COMPACT_ATOMS: atom_id res chain seq x y z
N ILE A 1 0.12 -2.77 -10.58
CA ILE A 1 -1.17 -2.20 -11.12
C ILE A 1 -1.48 -2.82 -12.48
N ILE A 2 -2.64 -3.48 -12.56
CA ILE A 2 -3.18 -4.00 -13.82
C ILE A 2 -3.91 -2.86 -14.51
N GLY A 3 -3.63 -2.62 -15.79
CA GLY A 3 -4.27 -1.54 -16.51
C GLY A 3 -3.78 -0.21 -15.95
N GLY A 4 -4.66 0.78 -15.93
CA GLY A 4 -4.32 2.10 -15.42
C GLY A 4 -3.31 2.81 -16.32
N GLU A 5 -2.50 3.67 -15.70
CA GLU A 5 -1.55 4.51 -16.41
C GLU A 5 -0.20 4.53 -15.71
N PHE A 6 0.84 4.75 -16.50
CA PHE A 6 2.13 5.10 -15.94
C PHE A 6 2.01 6.49 -15.35
N THR A 7 2.66 6.71 -14.23
CA THR A 7 2.59 8.01 -13.57
C THR A 7 4.00 8.44 -13.19
N THR A 8 4.10 9.52 -12.44
CA THR A 8 5.37 10.03 -11.96
C THR A 8 5.18 10.46 -10.51
N ILE A 9 6.28 10.54 -9.76
CA ILE A 9 6.18 10.75 -8.32
C ILE A 9 5.59 12.11 -7.96
N GLU A 10 5.76 13.11 -8.83
CA GLU A 10 5.16 14.41 -8.57
C GLU A 10 3.62 14.33 -8.52
N ASN A 11 3.04 13.31 -9.15
CA ASN A 11 1.59 13.12 -9.14
C ASN A 11 1.15 12.28 -7.94
N GLN A 12 2.11 11.69 -7.24
CA GLN A 12 1.86 10.80 -6.10
C GLN A 12 2.91 11.07 -5.00
N PRO A 13 3.05 12.33 -4.54
CA PRO A 13 4.27 12.69 -3.79
C PRO A 13 4.37 12.13 -2.37
N TRP A 14 3.29 11.53 -1.89
CA TRP A 14 3.28 10.82 -0.60
C TRP A 14 3.71 9.37 -0.76
N PHE A 15 3.93 8.93 -2.00
CA PHE A 15 4.21 7.51 -2.21
C PHE A 15 5.63 7.13 -1.80
N ALA A 16 5.73 6.08 -0.97
CA ALA A 16 7.00 5.56 -0.48
C ALA A 16 7.26 4.19 -1.10
N ALA A 17 8.48 4.01 -1.61
CA ALA A 17 8.90 2.75 -2.18
C ALA A 17 9.79 2.04 -1.18
N ILE A 18 9.40 0.84 -0.79
CA ILE A 18 10.09 0.11 0.27
C ILE A 18 10.80 -1.12 -0.29
N TYR A 19 12.09 -1.20 -0.03
CA TYR A 19 12.94 -2.28 -0.53
C TYR A 19 13.57 -3.02 0.64
N ARG A 20 14.09 -4.21 0.38
CA ARG A 20 14.80 -4.97 1.40
C ARG A 20 16.14 -5.43 0.87
N ARG A 21 17.16 -5.26 1.70
CA ARG A 21 18.51 -5.71 1.41
C ARG A 21 18.64 -7.17 1.88
N HIS A 22 19.13 -8.03 1.00
CA HIS A 22 19.22 -9.45 1.30
C HIS A 22 20.59 -9.85 1.78
N ARG A 23 20.65 -10.95 2.55
CA ARG A 23 21.95 -11.50 2.93
C ARG A 23 22.67 -11.81 1.63
N GLY A 24 23.86 -11.22 1.47
CA GLY A 24 24.58 -11.29 0.21
C GLY A 24 24.67 -9.92 -0.46
N GLY A 25 23.70 -9.05 -0.17
CA GLY A 25 23.77 -7.66 -0.61
C GLY A 25 22.85 -7.21 -1.73
N SER A 26 22.08 -8.12 -2.32
CA SER A 26 21.11 -7.72 -3.35
C SER A 26 19.91 -7.03 -2.67
N VAL A 27 19.28 -6.11 -3.40
CA VAL A 27 18.11 -5.38 -2.91
C VAL A 27 16.90 -5.67 -3.81
N THR A 28 15.79 -6.04 -3.19
CA THR A 28 14.55 -6.33 -3.91
C THR A 28 13.44 -5.40 -3.42
N TYR A 29 12.48 -5.12 -4.30
CA TYR A 29 11.33 -4.32 -3.93
C TYR A 29 10.37 -5.14 -3.09
N VAL A 30 9.88 -4.56 -2.01
CA VAL A 30 8.95 -5.23 -1.12
C VAL A 30 7.50 -4.79 -1.31
N CYS A 31 7.22 -3.52 -1.00
CA CYS A 31 5.86 -3.00 -0.97
C CYS A 31 5.90 -1.49 -1.09
N GLY A 32 4.71 -0.91 -1.26
CA GLY A 32 4.53 0.53 -1.18
C GLY A 32 4.19 0.98 0.23
N GLY A 33 4.10 2.29 0.38
CA GLY A 33 3.74 2.94 1.64
C GLY A 33 3.32 4.38 1.36
N SER A 34 2.87 5.09 2.38
CA SER A 34 2.41 6.46 2.24
C SER A 34 2.99 7.29 3.35
N LEU A 35 3.51 8.46 2.99
CA LEU A 35 4.05 9.39 3.97
C LEU A 35 2.90 10.15 4.62
N ILE A 36 2.68 9.92 5.92
CA ILE A 36 1.60 10.62 6.64
C ILE A 36 2.10 11.77 7.53
N SER A 37 3.40 11.79 7.79
CA SER A 37 4.03 12.91 8.46
C SER A 37 5.51 12.84 8.09
N PRO A 38 6.27 13.92 8.31
CA PRO A 38 7.64 13.88 7.83
C PRO A 38 8.45 12.67 8.30
N CYS A 39 8.21 12.17 9.51
CA CYS A 39 8.98 11.04 10.06
C CYS A 39 8.30 9.68 9.95
N TRP A 40 7.07 9.63 9.43
CA TRP A 40 6.28 8.40 9.46
C TRP A 40 5.70 7.96 8.11
N VAL A 41 6.01 6.73 7.73
CA VAL A 41 5.38 6.08 6.58
C VAL A 41 4.44 4.99 7.08
N ILE A 42 3.25 4.92 6.49
CA ILE A 42 2.29 3.86 6.82
C ILE A 42 2.21 2.83 5.69
N SER A 43 2.11 1.58 6.07
CA SER A 43 2.15 0.48 5.11
C SER A 43 1.35 -0.69 5.66
N ALA A 44 1.60 -1.91 5.18
CA ALA A 44 0.85 -3.09 5.61
C ALA A 44 1.78 -4.02 6.40
N THR A 45 1.30 -4.55 7.53
CA THR A 45 2.11 -5.48 8.30
C THR A 45 2.55 -6.71 7.50
N HIS A 46 1.71 -7.20 6.59
CA HIS A 46 2.05 -8.43 5.86
C HIS A 46 3.33 -8.31 5.02
N CYS A 47 3.69 -7.06 4.67
CA CYS A 47 4.91 -6.79 3.91
C CYS A 47 6.18 -7.08 4.70
N PHE A 48 6.08 -7.15 6.03
CA PHE A 48 7.26 -7.24 6.90
C PHE A 48 7.30 -8.43 7.84
N ILE A 49 6.16 -9.08 8.03
CA ILE A 49 5.96 -10.04 9.12
C ILE A 49 6.94 -11.23 9.05
N ASP A 50 7.31 -11.64 7.84
CA ASP A 50 8.24 -12.77 7.66
C ASP A 50 9.71 -12.34 7.81
N TYR A 51 9.98 -11.05 7.70
CA TYR A 51 11.34 -10.51 7.83
C TYR A 51 11.29 -9.23 8.66
N PRO A 52 11.00 -9.36 9.96
CA PRO A 52 10.71 -8.18 10.77
C PRO A 52 11.97 -7.51 11.34
N LYS A 53 13.08 -7.58 10.63
CA LYS A 53 14.33 -6.95 11.03
C LYS A 53 14.42 -5.60 10.33
N LYS A 54 14.25 -4.50 11.08
CA LYS A 54 14.15 -3.17 10.48
C LYS A 54 15.39 -2.71 9.71
N GLU A 55 16.55 -3.18 10.13
CA GLU A 55 17.83 -2.81 9.50
C GLU A 55 17.88 -3.20 8.02
N ASP A 56 17.09 -4.18 7.62
CA ASP A 56 17.15 -4.68 6.25
C ASP A 56 16.40 -3.82 5.23
N TYR A 57 15.59 -2.87 5.71
CA TYR A 57 14.71 -2.11 4.81
C TYR A 57 15.28 -0.76 4.40
N ILE A 58 14.96 -0.37 3.17
CA ILE A 58 15.32 0.91 2.60
C ILE A 58 14.02 1.54 2.14
N VAL A 59 13.79 2.80 2.49
CA VAL A 59 12.59 3.51 2.08
C VAL A 59 13.00 4.69 1.21
N TYR A 60 12.41 4.79 0.02
CA TYR A 60 12.63 5.95 -0.82
C TYR A 60 11.38 6.79 -0.90
N LEU A 61 11.60 8.10 -0.87
CA LEU A 61 10.58 9.07 -1.19
C LEU A 61 11.05 9.83 -2.41
N GLY A 62 10.10 10.36 -3.17
CA GLY A 62 10.43 11.13 -4.38
C GLY A 62 11.01 10.31 -5.51
N ARG A 63 10.70 9.01 -5.55
CA ARG A 63 11.23 8.10 -6.55
C ARG A 63 10.13 7.61 -7.50
N SER A 64 10.36 7.78 -8.80
CA SER A 64 9.41 7.39 -9.86
C SER A 64 9.71 6.06 -10.52
N ARG A 65 10.95 5.58 -10.39
CA ARG A 65 11.38 4.38 -11.10
C ARG A 65 11.98 3.39 -10.14
N LEU A 66 11.79 2.12 -10.44
CA LEU A 66 12.13 1.06 -9.51
C LEU A 66 13.64 0.88 -9.33
N ASN A 67 14.40 0.98 -10.42
CA ASN A 67 15.83 0.69 -10.39
C ASN A 67 16.69 1.81 -10.97
N SER A 68 16.13 3.01 -11.10
CA SER A 68 16.88 4.19 -11.53
C SER A 68 16.64 5.31 -10.54
N ASN A 69 17.56 6.25 -10.52
CA ASN A 69 17.45 7.38 -9.61
C ASN A 69 16.54 8.45 -10.19
N THR A 70 15.75 9.08 -9.32
CA THR A 70 14.92 10.22 -9.67
C THR A 70 15.49 11.44 -8.99
N GLN A 71 15.60 12.53 -9.74
CA GLN A 71 16.13 13.77 -9.19
C GLN A 71 15.25 14.25 -8.06
N GLY A 72 15.87 14.59 -6.92
CA GLY A 72 15.13 15.02 -5.73
C GLY A 72 14.74 13.89 -4.79
N GLU A 73 14.98 12.64 -5.19
CA GLU A 73 14.64 11.50 -4.33
C GLU A 73 15.45 11.53 -3.03
N MET A 74 14.85 11.02 -1.97
CA MET A 74 15.46 10.95 -0.62
CA MET A 74 15.51 10.93 -0.68
C MET A 74 15.44 9.50 -0.17
N LYS A 75 16.55 9.01 0.35
CA LYS A 75 16.68 7.63 0.83
C LYS A 75 16.67 7.62 2.35
N PHE A 76 15.96 6.65 2.94
CA PHE A 76 15.82 6.56 4.38
C PHE A 76 16.03 5.15 4.90
N GLU A 77 16.45 5.08 6.14
CA GLU A 77 16.47 3.85 6.88
C GLU A 77 15.29 3.86 7.82
N VAL A 78 15.00 2.71 8.41
CA VAL A 78 13.86 2.55 9.29
C VAL A 78 14.31 2.58 10.75
N GLU A 79 13.96 3.65 11.45
CA GLU A 79 14.33 3.84 12.85
C GLU A 79 13.47 2.99 13.77
N ASN A 80 12.20 2.83 13.41
N ASN A 80 12.18 2.89 13.45
CA ASN A 80 11.27 2.03 14.18
CA ASN A 80 11.26 2.02 14.17
C ASN A 80 10.27 1.37 13.24
C ASN A 80 10.33 1.35 13.18
N LEU A 81 10.15 0.05 13.34
CA LEU A 81 9.20 -0.71 12.55
C LEU A 81 8.12 -1.21 13.48
N ILE A 82 6.91 -0.70 13.31
CA ILE A 82 5.79 -1.03 14.19
C ILE A 82 4.76 -1.84 13.43
N LEU A 83 4.63 -3.10 13.81
CA LEU A 83 3.63 -3.99 13.22
C LEU A 83 2.47 -4.13 14.19
N HIS A 84 1.28 -4.40 13.66
CA HIS A 84 0.09 -4.49 14.50
C HIS A 84 0.10 -5.82 15.23
N LYS A 85 -0.04 -5.78 16.56
CA LYS A 85 0.08 -6.98 17.39
C LYS A 85 -0.97 -8.05 17.10
N ASP A 86 -2.12 -7.63 16.59
CA ASP A 86 -3.22 -8.53 16.26
C ASP A 86 -3.30 -8.87 14.78
N TYR A 87 -2.22 -8.64 14.05
CA TYR A 87 -2.16 -9.07 12.65
C TYR A 87 -2.37 -10.59 12.55
N SER A 88 -3.19 -11.00 11.60
CA SER A 88 -3.26 -12.41 11.23
C SER A 88 -3.63 -12.57 9.77
N ALA A 89 -3.42 -13.77 9.24
CA ALA A 89 -3.66 -14.04 7.83
C ALA A 89 -4.42 -15.34 7.66
N ASP A 90 -5.51 -15.27 6.91
CA ASP A 90 -6.26 -16.44 6.50
C ASP A 90 -5.87 -16.77 5.06
N THR A 91 -6.58 -17.70 4.44
CA THR A 91 -6.28 -18.11 3.08
C THR A 91 -6.27 -16.93 2.11
N LEU A 92 -7.23 -16.03 2.25
CA LEU A 92 -7.28 -14.81 1.45
C LEU A 92 -7.12 -13.58 2.32
N ALA A 93 -7.89 -13.51 3.41
CA ALA A 93 -7.99 -12.29 4.20
C ALA A 93 -6.80 -12.05 5.12
N HIS A 94 -6.42 -10.78 5.23
CA HIS A 94 -5.41 -10.32 6.17
C HIS A 94 -6.07 -9.32 7.11
N HIS A 95 -5.79 -9.50 8.39
CA HIS A 95 -6.47 -8.76 9.45
C HIS A 95 -5.52 -7.85 10.15
N ASN A 96 -6.02 -6.67 10.53
CA ASN A 96 -5.18 -5.63 11.15
C ASN A 96 -3.89 -5.43 10.38
N ASP A 97 -4.06 -5.30 9.06
CA ASP A 97 -2.92 -5.30 8.16
C ASP A 97 -2.45 -3.85 7.96
N ILE A 98 -1.67 -3.39 8.92
CA ILE A 98 -1.28 -2.00 8.99
C ILE A 98 0.04 -1.96 9.74
N ALA A 99 0.94 -1.10 9.29
CA ALA A 99 2.28 -0.98 9.87
C ALA A 99 2.74 0.44 9.76
N LEU A 100 3.61 0.85 10.68
CA LEU A 100 4.20 2.18 10.68
C LEU A 100 5.69 2.05 10.63
N LEU A 101 6.32 2.86 9.77
CA LEU A 101 7.76 2.91 9.69
C LEU A 101 8.19 4.32 10.04
N LYS A 102 8.96 4.46 11.12
CA LYS A 102 9.57 5.74 11.44
C LYS A 102 10.85 5.80 10.63
N ILE A 103 10.95 6.82 9.77
CA ILE A 103 12.04 6.90 8.81
C ILE A 103 13.06 7.96 9.23
N ARG A 104 14.30 7.72 8.82
CA ARG A 104 15.40 8.60 9.19
C ARG A 104 16.50 8.48 8.14
N SER A 105 16.98 9.60 7.63
CA SER A 105 18.10 9.58 6.70
C SER A 105 19.36 9.26 7.49
N LYS A 106 20.47 9.03 6.81
CA LYS A 106 21.73 8.77 7.52
C LYS A 106 22.15 9.94 8.43
N GLU A 107 21.70 11.15 8.11
CA GLU A 107 21.97 12.33 8.93
C GLU A 107 21.01 12.49 10.10
N GLY A 108 20.02 11.61 10.20
CA GLY A 108 19.01 11.71 11.24
C GLY A 108 17.81 12.56 10.88
N ARG A 109 17.71 12.97 9.62
CA ARG A 109 16.63 13.87 9.21
C ARG A 109 15.42 13.08 8.71
N CYS A 110 14.25 13.68 8.89
CA CYS A 110 13.00 13.12 8.38
C CYS A 110 12.80 13.70 6.98
N ALA A 111 11.64 13.43 6.38
CA ALA A 111 11.35 13.91 5.02
C ALA A 111 11.32 15.43 4.97
N GLN A 112 11.86 16.01 3.89
CA GLN A 112 11.74 17.45 3.66
C GLN A 112 10.80 17.68 2.47
N PRO A 113 9.64 18.33 2.70
CA PRO A 113 8.69 18.47 1.61
C PRO A 113 9.26 19.18 0.38
N SER A 114 8.84 18.73 -0.78
CA SER A 114 9.28 19.28 -2.06
C SER A 114 8.18 19.05 -3.09
N ARG A 115 8.50 19.34 -4.34
CA ARG A 115 7.62 19.06 -5.46
C ARG A 115 7.25 17.59 -5.53
N THR A 116 8.17 16.73 -5.09
CA THR A 116 8.03 15.29 -5.25
C THR A 116 7.89 14.53 -3.95
N ILE A 117 7.84 15.26 -2.82
CA ILE A 117 7.72 14.64 -1.50
C ILE A 117 6.74 15.47 -0.67
N GLN A 118 5.58 14.87 -0.35
CA GLN A 118 4.52 15.54 0.41
C GLN A 118 3.81 14.50 1.28
N THR A 119 3.25 14.94 2.40
CA THR A 119 2.45 14.06 3.21
C THR A 119 1.02 13.97 2.66
N ILE A 120 0.33 12.89 3.01
CA ILE A 120 -1.07 12.69 2.67
C ILE A 120 -1.90 12.75 3.95
N ALA A 121 -3.06 13.39 3.88
CA ALA A 121 -3.93 13.54 5.04
C ALA A 121 -4.55 12.22 5.46
N LEU A 122 -4.66 12.00 6.76
CA LEU A 122 -5.45 10.92 7.29
C LEU A 122 -6.93 11.33 7.35
N PRO A 123 -7.84 10.35 7.26
CA PRO A 123 -9.27 10.63 7.34
C PRO A 123 -9.66 10.92 8.79
N SER A 124 -10.89 11.38 9.00
CA SER A 124 -11.40 11.52 10.36
C SER A 124 -12.10 10.22 10.79
N MET A 125 -12.36 10.12 12.09
CA MET A 125 -12.94 8.91 12.68
C MET A 125 -14.28 8.55 12.02
N TYR A 126 -14.43 7.28 11.64
CA TYR A 126 -15.67 6.76 11.04
C TYR A 126 -16.07 7.43 9.72
N ASN A 127 -15.18 8.22 9.13
CA ASN A 127 -15.52 9.01 7.94
C ASN A 127 -14.84 8.48 6.67
N ASP A 128 -15.60 7.72 5.90
CA ASP A 128 -15.16 7.19 4.62
C ASP A 128 -16.01 7.79 3.53
N PRO A 129 -15.52 7.79 2.28
CA PRO A 129 -16.39 8.21 1.18
C PRO A 129 -17.52 7.19 0.95
N GLN A 130 -18.58 7.63 0.28
CA GLN A 130 -19.70 6.73 -0.02
C GLN A 130 -19.29 5.71 -1.08
N PHE A 131 -19.92 4.54 -1.06
CA PHE A 131 -19.68 3.55 -2.09
C PHE A 131 -20.01 4.15 -3.46
N GLY A 132 -19.28 3.71 -4.48
CA GLY A 132 -19.35 4.30 -5.81
C GLY A 132 -18.33 5.42 -6.02
N THR A 133 -17.72 5.92 -4.95
CA THR A 133 -16.69 6.96 -5.06
C THR A 133 -15.48 6.43 -5.83
N SER A 134 -14.96 7.23 -6.76
CA SER A 134 -13.74 6.88 -7.49
C SER A 134 -12.51 7.29 -6.69
N CYS A 135 -11.60 6.33 -6.49
CA CYS A 135 -10.38 6.55 -5.74
C CYS A 135 -9.19 6.06 -6.52
N GLU A 136 -7.99 6.54 -6.16
CA GLU A 136 -6.76 6.22 -6.86
C GLU A 136 -5.90 5.26 -6.05
N ILE A 137 -5.22 4.37 -6.75
CA ILE A 137 -4.22 3.48 -6.17
C ILE A 137 -2.94 3.66 -6.98
N THR A 138 -1.80 3.47 -6.33
N THR A 138 -1.79 3.52 -6.33
CA THR A 138 -0.49 3.75 -6.92
CA THR A 138 -0.51 3.71 -7.00
C THR A 138 0.48 2.66 -6.48
C THR A 138 0.48 2.67 -6.49
N GLY A 139 1.35 2.21 -7.38
CA GLY A 139 2.39 1.28 -7.00
C GLY A 139 3.23 0.73 -8.12
N PHE A 140 4.23 -0.06 -7.73
CA PHE A 140 5.16 -0.73 -8.63
C PHE A 140 4.81 -2.23 -8.79
N GLY A 141 3.58 -2.62 -8.50
CA GLY A 141 3.17 -4.03 -8.57
C GLY A 141 3.07 -4.60 -9.98
N LYS A 142 2.73 -5.88 -10.09
CA LYS A 142 2.66 -6.55 -11.39
C LYS A 142 1.62 -5.90 -12.29
N GLU A 143 1.89 -5.90 -13.60
CA GLU A 143 0.98 -5.37 -14.59
C GLU A 143 0.16 -6.45 -15.27
N GLN A 144 0.65 -7.67 -15.22
CA GLN A 144 -0.11 -8.84 -15.67
C GLN A 144 0.39 -10.09 -15.00
N SER A 145 -0.40 -11.15 -15.08
N SER A 145 -0.40 -11.15 -15.08
CA SER A 145 -0.12 -12.41 -14.39
CA SER A 145 -0.13 -12.40 -14.38
C SER A 145 1.25 -12.96 -14.71
C SER A 145 1.24 -12.98 -14.71
N THR A 146 1.64 -12.85 -15.97
CA THR A 146 2.88 -13.43 -16.45
C THR A 146 4.15 -12.64 -16.13
N ASP A 147 4.01 -11.47 -15.51
CA ASP A 147 5.18 -10.69 -15.09
C ASP A 147 6.02 -11.49 -14.12
N TYR A 148 7.33 -11.52 -14.37
CA TYR A 148 8.27 -12.10 -13.41
C TYR A 148 9.18 -11.02 -12.79
N LEU A 149 9.15 -9.80 -13.34
CA LEU A 149 9.79 -8.60 -12.78
C LEU A 149 8.69 -7.56 -12.59
N TYR A 150 8.84 -6.71 -11.58
CA TYR A 150 7.94 -5.57 -11.43
C TYR A 150 8.28 -4.50 -12.47
N PRO A 151 7.30 -3.68 -12.86
CA PRO A 151 7.57 -2.64 -13.84
C PRO A 151 8.56 -1.61 -13.33
N GLU A 152 9.34 -1.05 -14.24
CA GLU A 152 10.32 -0.05 -13.89
C GLU A 152 9.68 1.30 -13.57
N GLN A 153 8.53 1.59 -14.19
CA GLN A 153 7.85 2.87 -13.99
C GLN A 153 6.65 2.75 -13.04
N LEU A 154 6.55 3.69 -12.12
CA LEU A 154 5.42 3.78 -11.20
C LEU A 154 4.11 3.86 -11.98
N LYS A 155 3.06 3.23 -11.47
CA LYS A 155 1.74 3.24 -12.10
C LYS A 155 0.67 3.72 -11.15
N MET A 156 -0.45 4.18 -11.71
CA MET A 156 -1.64 4.48 -10.94
C MET A 156 -2.86 3.93 -11.66
N THR A 157 -3.95 3.76 -10.92
CA THR A 157 -5.23 3.57 -11.57
C THR A 157 -6.33 4.12 -10.68
N VAL A 158 -7.56 4.09 -11.20
CA VAL A 158 -8.72 4.56 -10.50
C VAL A 158 -9.73 3.42 -10.42
N VAL A 159 -10.24 3.19 -9.22
CA VAL A 159 -11.20 2.12 -8.93
C VAL A 159 -12.34 2.74 -8.13
N LYS A 160 -13.47 2.05 -8.05
CA LYS A 160 -14.61 2.54 -7.30
C LYS A 160 -14.78 1.74 -6.02
N LEU A 161 -15.12 2.45 -4.94
CA LEU A 161 -15.42 1.80 -3.67
C LEU A 161 -16.69 0.96 -3.77
N ILE A 162 -16.64 -0.23 -3.20
CA ILE A 162 -17.72 -1.20 -3.25
C ILE A 162 -18.26 -1.36 -1.84
N SER A 163 -19.58 -1.40 -1.70
CA SER A 163 -20.18 -1.48 -0.37
C SER A 163 -19.79 -2.79 0.32
N HIS A 164 -19.80 -2.80 1.65
CA HIS A 164 -19.54 -4.02 2.41
C HIS A 164 -20.59 -5.10 2.04
N ARG A 165 -21.83 -4.68 1.88
CA ARG A 165 -22.94 -5.58 1.49
C ARG A 165 -22.65 -6.32 0.19
N GLU A 166 -22.15 -5.59 -0.81
CA GLU A 166 -21.80 -6.21 -2.08
C GLU A 166 -20.58 -7.13 -1.92
N CYS A 167 -19.57 -6.66 -1.20
CA CYS A 167 -18.32 -7.41 -1.08
C CYS A 167 -18.46 -8.72 -0.31
N GLN A 168 -19.45 -8.78 0.58
CA GLN A 168 -19.71 -9.99 1.36
C GLN A 168 -20.70 -10.95 0.69
N GLN A 169 -21.04 -10.68 -0.57
CA GLN A 169 -21.88 -11.61 -1.32
C GLN A 169 -21.12 -12.90 -1.52
N PRO A 170 -21.84 -14.03 -1.65
CA PRO A 170 -21.16 -15.33 -1.67
C PRO A 170 -20.18 -15.51 -2.84
N HIS A 171 -20.44 -14.89 -3.99
CA HIS A 171 -19.50 -14.99 -5.10
C HIS A 171 -18.41 -13.91 -5.07
N TYR A 172 -18.52 -12.95 -4.17
CA TYR A 172 -17.44 -12.03 -3.88
C TYR A 172 -16.54 -12.69 -2.83
N TYR A 173 -16.57 -12.22 -1.57
CA TYR A 173 -15.71 -12.80 -0.56
C TYR A 173 -16.45 -13.39 0.63
N GLY A 174 -17.78 -13.38 0.57
CA GLY A 174 -18.59 -13.86 1.69
C GLY A 174 -18.22 -13.16 2.98
N SER A 175 -18.22 -13.92 4.07
CA SER A 175 -17.90 -13.33 5.36
C SER A 175 -16.39 -13.18 5.59
N GLU A 176 -15.57 -13.42 4.56
CA GLU A 176 -14.12 -13.26 4.71
C GLU A 176 -13.73 -11.78 4.78
N VAL A 177 -14.59 -10.91 4.27
CA VAL A 177 -14.32 -9.48 4.32
C VAL A 177 -15.09 -8.90 5.52
N THR A 178 -14.45 -8.00 6.25
CA THR A 178 -15.03 -7.46 7.48
C THR A 178 -15.25 -5.95 7.36
N THR A 179 -15.89 -5.37 8.37
CA THR A 179 -16.13 -3.92 8.34
C THR A 179 -14.86 -3.11 8.66
N LYS A 180 -13.74 -3.77 8.96
CA LYS A 180 -12.47 -3.06 9.08
C LYS A 180 -11.71 -3.05 7.74
N MET A 181 -12.39 -3.47 6.69
CA MET A 181 -11.84 -3.54 5.33
C MET A 181 -12.72 -2.75 4.37
N LEU A 182 -12.11 -2.25 3.30
CA LEU A 182 -12.83 -1.56 2.23
C LEU A 182 -12.54 -2.30 0.95
N CYS A 183 -13.57 -2.55 0.15
CA CYS A 183 -13.39 -3.18 -1.14
C CYS A 183 -13.44 -2.10 -2.21
N ALA A 184 -12.69 -2.32 -3.29
CA ALA A 184 -12.73 -1.41 -4.42
C ALA A 184 -12.32 -2.15 -5.68
N ALA A 185 -12.95 -1.82 -6.80
CA ALA A 185 -12.67 -2.49 -8.05
C ALA A 185 -13.14 -1.66 -9.24
N ASP A 186 -12.77 -2.13 -10.41
CA ASP A 186 -13.25 -1.58 -11.66
C ASP A 186 -14.59 -2.25 -11.99
N PRO A 187 -15.62 -1.46 -12.32
CA PRO A 187 -16.91 -2.07 -12.69
C PRO A 187 -16.81 -3.12 -13.81
N GLN A 188 -15.83 -2.98 -14.70
CA GLN A 188 -15.61 -3.97 -15.78
C GLN A 188 -14.44 -4.93 -15.52
N TRP A 189 -13.89 -4.92 -14.30
CA TRP A 189 -12.81 -5.83 -13.90
C TRP A 189 -11.60 -5.74 -14.83
N LYS A 190 -11.29 -4.53 -15.29
CA LYS A 190 -10.16 -4.34 -16.22
C LYS A 190 -8.93 -3.74 -15.57
N THR A 191 -9.08 -3.18 -14.38
CA THR A 191 -7.94 -2.56 -13.71
C THR A 191 -8.02 -2.84 -12.21
N ASP A 192 -6.87 -2.92 -11.55
CA ASP A 192 -6.82 -3.31 -10.15
C ASP A 192 -5.39 -3.15 -9.63
N SER A 193 -5.23 -3.18 -8.31
CA SER A 193 -3.90 -3.35 -7.73
C SER A 193 -3.52 -4.83 -7.88
N CYS A 194 -2.26 -5.14 -7.67
CA CYS A 194 -1.80 -6.50 -7.79
C CYS A 194 -0.61 -6.76 -6.87
N GLN A 195 -0.07 -7.96 -6.91
CA GLN A 195 1.12 -8.27 -6.11
C GLN A 195 2.22 -7.23 -6.32
N GLY A 196 2.75 -6.72 -5.21
CA GLY A 196 3.75 -5.67 -5.20
C GLY A 196 3.20 -4.28 -4.93
N ASP A 197 1.89 -4.14 -5.05
CA ASP A 197 1.20 -2.88 -4.76
C ASP A 197 0.78 -2.82 -3.29
N SER A 198 0.88 -3.95 -2.60
CA SER A 198 0.51 -3.98 -1.19
C SER A 198 1.23 -2.90 -0.40
N GLY A 199 0.57 -2.41 0.64
CA GLY A 199 1.14 -1.38 1.51
C GLY A 199 0.92 0.01 0.98
N GLY A 200 0.71 0.14 -0.33
CA GLY A 200 0.48 1.42 -0.95
C GLY A 200 -0.90 2.02 -0.70
N PRO A 201 -1.07 3.28 -1.12
CA PRO A 201 -2.27 4.04 -0.81
C PRO A 201 -3.49 3.79 -1.68
N LEU A 202 -4.66 3.83 -1.05
CA LEU A 202 -5.91 4.07 -1.75
C LEU A 202 -6.33 5.48 -1.33
N VAL A 203 -6.32 6.41 -2.28
CA VAL A 203 -6.52 7.84 -1.99
C VAL A 203 -7.86 8.29 -2.58
N CYS A 204 -8.68 8.94 -1.76
CA CYS A 204 -9.98 9.46 -2.21
C CYS A 204 -10.09 10.93 -1.84
N SER A 205 -10.90 11.67 -2.59
CA SER A 205 -11.33 13.01 -2.18
C SER A 205 -12.41 12.90 -1.13
N LEU A 206 -12.16 13.48 0.03
CA LEU A 206 -13.09 13.46 1.14
C LEU A 206 -13.18 14.90 1.64
N GLN A 207 -14.31 15.55 1.39
CA GLN A 207 -14.49 16.98 1.64
C GLN A 207 -13.44 17.82 0.88
N GLY A 208 -13.24 17.50 -0.40
CA GLY A 208 -12.33 18.25 -1.26
C GLY A 208 -10.84 18.06 -1.04
N ARG A 209 -10.48 17.23 -0.06
CA ARG A 209 -9.09 17.03 0.33
C ARG A 209 -8.64 15.59 0.02
N MET A 210 -7.45 15.43 -0.55
CA MET A 210 -6.90 14.11 -0.84
C MET A 210 -6.63 13.40 0.47
N THR A 211 -7.21 12.22 0.64
CA THR A 211 -7.21 11.54 1.93
C THR A 211 -6.80 10.08 1.78
N LEU A 212 -5.95 9.60 2.69
CA LEU A 212 -5.58 8.18 2.72
C LEU A 212 -6.71 7.35 3.30
N THR A 213 -7.53 6.80 2.41
CA THR A 213 -8.73 6.07 2.80
C THR A 213 -8.41 4.59 3.08
N GLY A 214 -7.50 4.03 2.30
CA GLY A 214 -7.14 2.63 2.44
C GLY A 214 -5.67 2.34 2.21
N ILE A 215 -5.28 1.13 2.60
CA ILE A 215 -3.93 0.60 2.37
C ILE A 215 -4.14 -0.73 1.66
N VAL A 216 -3.48 -0.91 0.51
CA VAL A 216 -3.61 -2.15 -0.24
C VAL A 216 -3.24 -3.34 0.64
N SER A 217 -4.15 -4.31 0.75
CA SER A 217 -3.96 -5.39 1.69
C SER A 217 -4.05 -6.77 1.07
N TRP A 218 -5.15 -7.07 0.39
CA TRP A 218 -5.35 -8.41 -0.16
C TRP A 218 -6.34 -8.48 -1.31
N GLY A 219 -6.46 -9.67 -1.89
CA GLY A 219 -7.47 -9.95 -2.91
C GLY A 219 -7.14 -11.23 -3.65
N ARG A 220 -8.16 -11.90 -4.17
CA ARG A 220 -7.95 -13.12 -4.93
C ARG A 220 -7.63 -12.72 -6.35
N GLY A 221 -6.47 -13.13 -6.84
CA GLY A 221 -6.02 -12.77 -8.19
C GLY A 221 -5.83 -11.27 -8.30
N CYS A 222 -5.86 -10.76 -9.52
CA CYS A 222 -5.83 -9.32 -9.77
C CYS A 222 -6.72 -9.01 -10.96
N ALA A 223 -7.63 -8.05 -10.78
CA ALA A 223 -8.63 -7.70 -11.79
C ALA A 223 -9.42 -8.95 -12.19
N LEU A 224 -9.72 -9.78 -11.18
CA LEU A 224 -10.48 -10.99 -11.41
C LEU A 224 -11.95 -10.69 -11.16
N LYS A 225 -12.80 -11.11 -12.09
CA LYS A 225 -14.24 -10.87 -11.97
C LYS A 225 -14.79 -11.29 -10.61
N ASP A 226 -15.56 -10.39 -10.00
CA ASP A 226 -16.17 -10.56 -8.66
C ASP A 226 -15.17 -10.71 -7.51
N LYS A 227 -13.93 -10.32 -7.73
CA LYS A 227 -12.91 -10.37 -6.68
C LYS A 227 -12.25 -9.00 -6.56
N PRO A 228 -12.88 -8.09 -5.77
CA PRO A 228 -12.32 -6.76 -5.55
C PRO A 228 -10.97 -6.76 -4.85
N GLY A 229 -10.24 -5.67 -5.01
CA GLY A 229 -9.11 -5.38 -4.16
C GLY A 229 -9.66 -5.10 -2.77
N VAL A 230 -8.96 -5.58 -1.74
CA VAL A 230 -9.38 -5.30 -0.37
C VAL A 230 -8.30 -4.47 0.34
N TYR A 231 -8.76 -3.44 1.03
CA TYR A 231 -7.92 -2.39 1.59
C TYR A 231 -8.17 -2.25 3.08
N THR A 232 -7.12 -2.07 3.84
CA THR A 232 -7.24 -1.76 5.27
C THR A 232 -7.98 -0.42 5.38
N ARG A 233 -9.06 -0.40 6.17
CA ARG A 233 -9.88 0.79 6.33
CA ARG A 233 -9.87 0.80 6.31
C ARG A 233 -9.22 1.72 7.34
N VAL A 234 -8.45 2.67 6.84
CA VAL A 234 -7.59 3.53 7.66
C VAL A 234 -8.39 4.25 8.75
N SER A 235 -9.62 4.66 8.42
CA SER A 235 -10.47 5.40 9.37
C SER A 235 -10.80 4.62 10.65
N HIS A 236 -10.74 3.29 10.60
CA HIS A 236 -10.93 2.49 11.80
C HIS A 236 -9.69 2.39 12.69
N PHE A 237 -8.51 2.71 12.16
CA PHE A 237 -7.26 2.50 12.88
C PHE A 237 -6.64 3.77 13.45
N LEU A 238 -7.39 4.86 13.48
CA LEU A 238 -6.83 6.12 13.93
C LEU A 238 -6.31 6.07 15.37
N PRO A 239 -7.07 5.45 16.29
CA PRO A 239 -6.53 5.33 17.66
C PRO A 239 -5.18 4.60 17.71
N TRP A 240 -5.07 3.49 16.99
CA TRP A 240 -3.81 2.75 16.89
C TRP A 240 -2.68 3.62 16.30
N ILE A 241 -2.98 4.34 15.22
CA ILE A 241 -1.99 5.22 14.58
C ILE A 241 -1.56 6.32 15.54
N ARG A 242 -2.54 6.95 16.18
CA ARG A 242 -2.25 8.05 17.11
C ARG A 242 -1.40 7.57 18.30
N SER A 243 -1.73 6.42 18.87
CA SER A 243 -1.01 5.90 20.05
C SER A 243 0.40 5.42 19.72
N HIS A 244 0.64 4.98 18.49
CA HIS A 244 1.93 4.40 18.13
C HIS A 244 2.92 5.39 17.54
N THR A 245 2.44 6.56 17.11
CA THR A 245 3.30 7.64 16.64
C THR A 245 3.58 8.64 17.77
N GLY B 1 2.35 -22.15 -2.04
N GLY B 1 1.67 -22.70 0.15
CA GLY B 1 2.02 -21.60 -0.69
CA GLY B 1 2.01 -21.64 -0.84
C GLY B 1 0.92 -20.57 -0.77
C GLY B 1 0.89 -20.65 -1.07
N LEU B 3 -0.09 -16.81 -3.22
CA LEU B 3 0.29 -15.82 -4.23
C LEU B 3 -0.58 -14.58 -4.12
N GLY B 4 -0.06 -13.45 -4.59
CA GLY B 4 -0.86 -12.22 -4.74
C GLY B 4 -0.67 -11.19 -3.64
N ARG B 5 -1.56 -10.21 -3.61
CA ARG B 5 -1.57 -9.20 -2.57
C ARG B 5 -1.76 -9.92 -1.24
N GLY B 6 -0.86 -9.64 -0.30
CA GLY B 6 -0.88 -10.27 1.00
C GLY B 6 0.31 -11.18 1.20
N CYS B 7 0.96 -11.55 0.10
CA CYS B 7 2.02 -12.56 0.10
C CYS B 7 3.43 -12.03 -0.22
N GLU B 8 3.56 -10.73 -0.49
CA GLU B 8 4.87 -10.13 -0.76
C GLU B 8 5.84 -10.43 0.36
N ASN B 9 7.10 -10.70 0.00
CA ASN B 9 8.18 -10.81 0.99
C ASN B 9 7.88 -11.90 2.04
N HIS B 10 7.31 -13.02 1.56
CA HIS B 10 7.04 -14.19 2.39
C HIS B 10 7.86 -15.36 1.90
N ARG B 11 8.27 -16.20 2.84
CA ARG B 11 8.91 -17.47 2.51
C ARG B 11 7.98 -18.42 1.73
N CYS B 12 6.67 -18.32 1.93
CA CYS B 12 5.74 -19.22 1.24
C CYS B 12 5.16 -18.64 -0.06
N LEU B 13 5.73 -17.53 -0.55
CA LEU B 13 5.25 -16.88 -1.76
C LEU B 13 5.44 -17.79 -2.98
#